data_1ART
#
_entry.id   1ART
#
_cell.length_a   157.140
_cell.length_b   85.510
_cell.length_c   78.930
_cell.angle_alpha   90.00
_cell.angle_beta   90.00
_cell.angle_gamma   90.00
#
_symmetry.space_group_name_H-M   'C 2 2 21'
#
loop_
_entity.id
_entity.type
_entity.pdbx_description
1 polymer 'ASPARTATE AMINOTRANSFERASE'
2 non-polymer "PYRIDOXAL-5'-PHOSPHATE"
3 non-polymer '2-methyl-L-aspartic acid'
4 water water
#
_entity_poly.entity_id   1
_entity_poly.type   'polypeptide(L)'
_entity_poly.pdbx_seq_one_letter_code
;MFENITAAPADPILGLADLFRADERPGKINLGIGVYKDETGKTPVLTSVKKAEQYLLENETTKNYLGIDGIPEFGRCTQE
LLFGKGSALINDKRARTAQTPGGTGALRVAADFLAKNTSVKRVWVSNPSWPNHKSVFNSAGLEVREYAYYDAENHTLDFD
ALINSLNEAQAGDVVLFHGCCHNPTGIDPTLEQWQTLAQLSVEKGWLPLFDFAYQGFARGLEEDAEGLRAFAAMHKELIV
ASSYSKNFGLYNERVGACTLVAADSETVDRAFSQMKAAIRANYSNPPAHGASVVATILSNDALRAIWEQELTDMRQRIQR
MRQLFVNTLQEKGANRDFSFIIKQNGMFSFSGLTKEQVLRLREEFGVYAVASGRVNVAGMTPDNMAPLCEAIVAVL
;
_entity_poly.pdbx_strand_id   A
#
# COMPACT_ATOMS: atom_id res chain seq x y z
N MET A 1 -34.86 11.13 -11.58
CA MET A 1 -33.87 10.10 -11.57
C MET A 1 -33.27 9.87 -10.22
N PHE A 2 -32.86 10.88 -9.44
CA PHE A 2 -32.15 10.62 -8.19
C PHE A 2 -32.93 10.42 -6.89
N GLU A 3 -34.23 10.68 -6.90
CA GLU A 3 -35.17 10.45 -5.79
C GLU A 3 -34.96 9.17 -5.00
N ASN A 4 -34.66 8.08 -5.68
CA ASN A 4 -34.62 6.79 -5.04
C ASN A 4 -33.26 6.31 -4.67
N ILE A 5 -32.25 7.18 -4.68
CA ILE A 5 -30.92 6.71 -4.39
C ILE A 5 -30.75 6.72 -2.89
N THR A 6 -30.08 5.64 -2.49
CA THR A 6 -29.70 5.36 -1.13
C THR A 6 -28.44 6.20 -0.79
N ALA A 7 -27.91 6.13 0.42
CA ALA A 7 -26.78 6.89 0.80
C ALA A 7 -25.83 5.77 1.06
N ALA A 8 -24.70 5.85 0.39
CA ALA A 8 -23.62 4.89 0.58
C ALA A 8 -23.26 4.93 2.05
N PRO A 9 -22.94 3.85 2.70
CA PRO A 9 -22.39 3.92 4.03
C PRO A 9 -21.00 4.59 4.01
N ALA A 10 -20.52 5.12 5.13
CA ALA A 10 -19.21 5.72 5.06
C ALA A 10 -18.10 4.69 4.94
N ASP A 11 -17.05 5.17 4.27
CA ASP A 11 -15.79 4.48 4.09
C ASP A 11 -15.25 4.21 5.47
N PRO A 12 -14.90 2.97 5.80
CA PRO A 12 -14.33 2.61 7.08
C PRO A 12 -13.08 3.42 7.41
N ILE A 13 -12.35 3.91 6.39
CA ILE A 13 -11.14 4.66 6.64
C ILE A 13 -11.26 6.15 6.40
N LEU A 14 -11.68 6.56 5.19
CA LEU A 14 -11.75 7.99 4.87
C LEU A 14 -12.87 8.66 5.60
N GLY A 15 -13.89 7.91 5.99
CA GLY A 15 -15.00 8.49 6.70
C GLY A 15 -14.62 8.92 8.10
N LEU A 16 -13.53 8.32 8.58
CA LEU A 16 -13.01 8.53 9.91
C LEU A 16 -12.38 9.91 9.99
N ALA A 17 -11.81 10.39 8.87
CA ALA A 17 -11.31 11.74 8.83
C ALA A 17 -12.45 12.72 9.08
N ASP A 18 -13.67 12.41 8.68
CA ASP A 18 -14.86 13.20 9.03
C ASP A 18 -15.21 13.37 10.51
N LEU A 19 -15.35 12.45 11.48
CA LEU A 19 -15.63 12.98 12.82
C LEU A 19 -14.35 13.56 13.38
N PHE A 20 -13.16 13.28 12.86
CA PHE A 20 -12.02 13.91 13.47
C PHE A 20 -12.15 15.40 13.14
N ARG A 21 -12.50 15.85 11.94
CA ARG A 21 -12.67 17.28 11.66
C ARG A 21 -13.88 17.87 12.41
N ALA A 22 -14.82 17.02 12.78
CA ALA A 22 -16.03 17.48 13.42
C ALA A 22 -16.06 17.42 14.94
N ASP A 23 -15.06 16.78 15.56
CA ASP A 23 -15.02 16.64 16.99
C ASP A 23 -14.30 17.86 17.54
N GLU A 24 -14.80 18.50 18.61
CA GLU A 24 -14.07 19.56 19.27
C GLU A 24 -13.55 18.84 20.53
N ARG A 25 -12.68 19.43 21.32
CA ARG A 25 -11.97 18.84 22.46
C ARG A 25 -10.63 18.74 21.80
N PRO A 26 -9.64 19.37 22.42
CA PRO A 26 -8.36 19.56 21.80
C PRO A 26 -7.50 18.34 22.04
N GLY A 27 -7.91 17.41 22.92
CA GLY A 27 -7.09 16.23 23.16
C GLY A 27 -7.29 15.13 22.10
N LYS A 28 -8.01 15.43 21.02
CA LYS A 28 -8.31 14.53 19.92
C LYS A 28 -7.10 13.73 19.47
N ILE A 29 -7.11 12.42 19.21
CA ILE A 29 -5.92 11.75 18.71
C ILE A 29 -6.41 10.99 17.49
N ASN A 30 -5.63 10.95 16.40
CA ASN A 30 -6.02 10.37 15.12
C ASN A 30 -5.01 9.33 14.72
N LEU A 31 -5.49 8.11 14.91
CA LEU A 31 -4.79 6.88 14.64
C LEU A 31 -5.49 6.10 13.50
N GLY A 32 -6.22 6.86 12.67
CA GLY A 32 -7.03 6.40 11.56
C GLY A 32 -6.27 6.18 10.26
N ILE A 33 -6.40 7.01 9.22
CA ILE A 33 -5.78 6.84 7.90
C ILE A 33 -4.27 6.68 8.01
N GLY A 34 -3.59 5.86 7.23
CA GLY A 34 -2.15 5.69 7.30
C GLY A 34 -1.44 6.82 6.58
N VAL A 35 -1.01 7.79 7.37
CA VAL A 35 -0.33 8.96 6.90
C VAL A 35 0.70 9.12 7.99
N TYR A 36 1.94 9.31 7.55
CA TYR A 36 3.08 9.50 8.44
C TYR A 36 2.92 10.84 9.15
N LYS A 37 3.31 10.92 10.42
CA LYS A 37 3.46 12.20 11.14
C LYS A 37 4.87 12.24 11.68
N ASP A 38 5.47 13.45 11.75
CA ASP A 38 6.77 13.55 12.38
C ASP A 38 6.58 13.73 13.88
N GLU A 39 7.64 13.76 14.68
CA GLU A 39 7.64 14.02 16.14
C GLU A 39 6.75 15.19 16.63
N THR A 40 6.36 16.14 15.77
CA THR A 40 5.52 17.27 16.12
C THR A 40 4.09 17.07 15.60
N GLY A 41 3.81 15.86 15.11
CA GLY A 41 2.49 15.47 14.60
C GLY A 41 2.05 16.16 13.34
N LYS A 42 3.00 16.38 12.44
CA LYS A 42 2.68 17.03 11.20
C LYS A 42 3.10 16.13 10.08
N THR A 43 2.50 16.24 8.90
CA THR A 43 2.97 15.42 7.79
C THR A 43 3.51 16.41 6.75
N PRO A 44 4.83 16.56 6.86
CA PRO A 44 5.58 17.59 6.16
C PRO A 44 5.71 17.29 4.67
N VAL A 45 5.82 18.26 3.75
CA VAL A 45 6.25 17.85 2.45
C VAL A 45 7.76 17.70 2.58
N LEU A 46 8.24 16.56 2.10
CA LEU A 46 9.65 16.21 2.15
C LEU A 46 10.59 17.27 1.52
N THR A 47 11.82 17.40 2.03
CA THR A 47 12.79 18.38 1.51
C THR A 47 13.18 18.08 0.07
N SER A 48 13.53 16.81 -0.22
CA SER A 48 13.85 16.43 -1.60
C SER A 48 12.73 16.74 -2.55
N VAL A 49 11.49 16.65 -2.05
CA VAL A 49 10.31 16.98 -2.82
C VAL A 49 10.21 18.47 -3.08
N LYS A 50 10.34 19.31 -2.04
CA LYS A 50 10.32 20.79 -2.22
C LYS A 50 11.42 21.27 -3.17
N LYS A 51 12.59 20.65 -3.10
CA LYS A 51 13.65 20.93 -4.03
C LYS A 51 13.28 20.50 -5.42
N ALA A 52 12.73 19.27 -5.64
CA ALA A 52 12.34 18.84 -6.98
C ALA A 52 11.30 19.79 -7.55
N GLU A 53 10.45 20.33 -6.71
CA GLU A 53 9.40 21.23 -7.18
C GLU A 53 9.89 22.56 -7.62
N GLN A 54 11.02 22.92 -6.99
CA GLN A 54 11.72 24.16 -7.32
C GLN A 54 12.29 24.09 -8.70
N TYR A 55 13.05 23.01 -8.89
CA TYR A 55 13.59 22.68 -10.19
C TYR A 55 12.46 22.72 -11.22
N LEU A 56 11.31 22.02 -11.02
CA LEU A 56 10.20 21.97 -12.01
C LEU A 56 9.65 23.33 -12.23
N LEU A 57 9.40 24.13 -11.21
CA LEU A 57 8.89 25.48 -11.37
C LEU A 57 9.73 26.30 -12.34
N GLU A 58 11.05 26.25 -12.22
CA GLU A 58 11.83 27.04 -13.15
C GLU A 58 12.09 26.40 -14.48
N ASN A 59 12.17 25.09 -14.45
CA ASN A 59 12.54 24.34 -15.62
C ASN A 59 11.43 23.76 -16.46
N GLU A 60 10.18 24.12 -16.31
CA GLU A 60 9.12 23.50 -17.06
C GLU A 60 8.61 24.53 -18.02
N THR A 61 8.45 24.23 -19.31
CA THR A 61 7.93 25.22 -20.29
C THR A 61 6.56 24.97 -20.90
N THR A 62 5.91 23.85 -20.53
CA THR A 62 4.62 23.50 -21.08
C THR A 62 3.89 22.59 -20.10
N LYS A 63 2.55 22.53 -20.15
CA LYS A 63 1.76 21.58 -19.40
C LYS A 63 0.99 20.73 -20.42
N ASN A 64 1.48 20.66 -21.66
CA ASN A 64 0.88 19.86 -22.70
C ASN A 64 0.82 18.37 -22.30
N TYR A 65 -0.25 17.69 -22.75
CA TYR A 65 -0.55 16.33 -22.35
C TYR A 65 0.60 15.38 -22.34
N LEU A 66 0.57 14.52 -21.36
CA LEU A 66 1.55 13.50 -21.19
C LEU A 66 1.37 12.27 -22.04
N GLY A 67 0.27 11.84 -22.63
CA GLY A 67 0.40 10.47 -23.23
C GLY A 67 0.07 9.46 -22.14
N ILE A 68 -0.79 8.53 -22.60
CA ILE A 68 -1.52 7.57 -21.77
C ILE A 68 -0.78 6.99 -20.62
N ASP A 69 0.37 6.41 -20.90
CA ASP A 69 1.14 5.78 -19.86
C ASP A 69 2.07 6.70 -19.06
N GLY A 70 2.04 8.01 -19.32
CA GLY A 70 2.77 8.97 -18.53
C GLY A 70 4.24 9.17 -18.90
N ILE A 71 5.04 9.70 -17.98
CA ILE A 71 6.34 10.13 -18.41
C ILE A 71 7.30 8.94 -18.41
N PRO A 72 8.10 8.74 -19.46
CA PRO A 72 8.93 7.55 -19.55
C PRO A 72 10.02 7.38 -18.51
N GLU A 73 10.65 8.46 -17.99
CA GLU A 73 11.67 8.33 -16.94
C GLU A 73 11.06 7.62 -15.75
N PHE A 74 9.85 8.06 -15.41
CA PHE A 74 9.08 7.54 -14.29
C PHE A 74 8.97 6.03 -14.40
N GLY A 75 8.43 5.50 -15.50
CA GLY A 75 8.34 4.06 -15.74
C GLY A 75 9.64 3.28 -15.62
N ARG A 76 10.76 3.82 -16.14
CA ARG A 76 11.99 3.07 -16.11
C ARG A 76 12.51 3.12 -14.72
N CYS A 77 12.31 4.22 -13.98
CA CYS A 77 12.75 4.28 -12.57
C CYS A 77 11.93 3.36 -11.66
N THR A 78 10.61 3.25 -11.86
CA THR A 78 9.84 2.36 -10.99
C THR A 78 10.16 0.90 -11.32
N GLN A 79 10.27 0.50 -12.59
CA GLN A 79 10.74 -0.84 -12.91
C GLN A 79 12.06 -1.18 -12.24
N GLU A 80 13.09 -0.28 -12.25
CA GLU A 80 14.35 -0.51 -11.52
C GLU A 80 14.16 -0.56 -10.03
N LEU A 81 13.21 0.19 -9.43
CA LEU A 81 12.89 0.05 -7.99
C LEU A 81 12.31 -1.31 -7.65
N LEU A 82 11.29 -1.72 -8.40
CA LEU A 82 10.58 -2.96 -8.17
C LEU A 82 11.44 -4.15 -8.49
N PHE A 83 12.20 -4.10 -9.59
CA PHE A 83 12.92 -5.25 -10.10
C PHE A 83 14.39 -5.29 -9.87
N GLY A 84 15.08 -4.21 -9.55
CA GLY A 84 16.51 -4.27 -9.37
C GLY A 84 17.08 -3.75 -10.67
N LYS A 85 18.20 -3.07 -10.57
CA LYS A 85 18.77 -2.38 -11.71
C LYS A 85 19.25 -3.29 -12.81
N GLY A 86 19.83 -4.43 -12.46
CA GLY A 86 20.39 -5.33 -13.47
C GLY A 86 19.44 -6.45 -13.89
N SER A 87 18.14 -6.27 -13.71
CA SER A 87 17.19 -7.30 -14.03
C SER A 87 17.07 -7.68 -15.51
N ALA A 88 16.90 -9.01 -15.57
CA ALA A 88 16.53 -9.73 -16.77
C ALA A 88 15.17 -9.26 -17.25
N LEU A 89 14.18 -8.87 -16.43
CA LEU A 89 12.90 -8.43 -16.97
C LEU A 89 13.02 -7.13 -17.72
N ILE A 90 13.99 -6.34 -17.26
CA ILE A 90 14.25 -5.02 -17.83
C ILE A 90 15.10 -5.14 -19.10
N ASN A 91 16.22 -5.89 -19.03
CA ASN A 91 17.02 -6.16 -20.22
C ASN A 91 16.20 -6.91 -21.27
N ASP A 92 15.32 -7.91 -20.97
CA ASP A 92 14.50 -8.60 -21.98
C ASP A 92 13.28 -7.86 -22.48
N LYS A 93 13.10 -6.61 -22.01
CA LYS A 93 11.93 -5.79 -22.28
C LYS A 93 10.57 -6.47 -22.09
N ARG A 94 10.48 -7.21 -20.97
CA ARG A 94 9.31 -8.00 -20.61
C ARG A 94 8.24 -7.21 -19.85
N ALA A 95 8.58 -6.02 -19.31
CA ALA A 95 7.71 -5.21 -18.43
C ALA A 95 7.28 -3.87 -19.00
N ARG A 96 6.04 -3.45 -18.93
CA ARG A 96 5.68 -2.13 -19.39
C ARG A 96 5.01 -1.45 -18.20
N THR A 97 5.16 -0.13 -17.98
CA THR A 97 4.59 0.54 -16.82
C THR A 97 3.72 1.70 -17.25
N ALA A 98 2.55 1.96 -16.68
CA ALA A 98 1.71 3.09 -17.02
C ALA A 98 1.69 3.79 -15.69
N GLN A 99 1.91 5.09 -15.79
CA GLN A 99 1.93 5.98 -14.63
C GLN A 99 0.43 6.15 -14.36
N THR A 100 -0.03 6.00 -13.11
CA THR A 100 -1.45 6.09 -12.77
C THR A 100 -1.69 7.11 -11.67
N PRO A 101 -2.90 7.62 -11.41
CA PRO A 101 -3.15 8.41 -10.21
C PRO A 101 -3.13 7.60 -8.91
N GLY A 102 -1.98 7.34 -8.32
CA GLY A 102 -1.88 6.63 -7.07
C GLY A 102 -1.98 5.14 -7.31
N GLY A 103 -1.72 4.37 -6.28
CA GLY A 103 -1.80 2.94 -6.33
C GLY A 103 -3.23 2.49 -6.50
N THR A 104 -4.27 3.19 -6.01
CA THR A 104 -5.65 2.77 -6.17
C THR A 104 -5.97 2.81 -7.63
N GLY A 105 -5.59 3.88 -8.35
CA GLY A 105 -5.82 4.00 -9.77
C GLY A 105 -5.13 2.84 -10.48
N ALA A 106 -3.97 2.41 -10.00
CA ALA A 106 -3.27 1.31 -10.63
C ALA A 106 -4.00 0.01 -10.36
N LEU A 107 -4.62 -0.23 -9.20
CA LEU A 107 -5.37 -1.46 -8.99
C LEU A 107 -6.60 -1.42 -9.88
N ARG A 108 -7.27 -0.27 -10.03
CA ARG A 108 -8.41 -0.20 -10.89
C ARG A 108 -7.99 -0.39 -12.30
N VAL A 109 -7.02 0.28 -12.94
CA VAL A 109 -6.68 0.03 -14.36
C VAL A 109 -6.25 -1.42 -14.55
N ALA A 110 -5.59 -2.10 -13.61
CA ALA A 110 -5.29 -3.51 -13.73
C ALA A 110 -6.63 -4.30 -13.70
N ALA A 111 -7.57 -4.01 -12.79
CA ALA A 111 -8.88 -4.64 -12.69
C ALA A 111 -9.66 -4.47 -14.00
N ASP A 112 -9.74 -3.27 -14.57
CA ASP A 112 -10.42 -3.03 -15.81
C ASP A 112 -9.76 -3.70 -16.95
N PHE A 113 -8.46 -3.80 -16.95
CA PHE A 113 -7.81 -4.48 -18.05
C PHE A 113 -8.20 -5.96 -18.04
N LEU A 114 -8.03 -6.61 -16.88
CA LEU A 114 -8.26 -8.03 -16.66
C LEU A 114 -9.67 -8.41 -17.03
N ALA A 115 -10.61 -7.67 -16.49
CA ALA A 115 -12.01 -7.88 -16.73
C ALA A 115 -12.29 -7.83 -18.21
N LYS A 116 -11.59 -7.01 -18.98
CA LYS A 116 -12.02 -6.83 -20.34
C LYS A 116 -11.16 -7.61 -21.30
N ASN A 117 -9.95 -8.07 -20.97
CA ASN A 117 -9.07 -8.67 -21.96
C ASN A 117 -8.61 -10.05 -21.65
N THR A 118 -9.16 -10.67 -20.61
CA THR A 118 -8.66 -11.88 -20.04
C THR A 118 -9.88 -12.71 -19.69
N SER A 119 -9.67 -13.99 -19.35
CA SER A 119 -10.76 -14.85 -18.92
C SER A 119 -10.99 -14.83 -17.38
N VAL A 120 -10.24 -14.01 -16.61
CA VAL A 120 -10.32 -13.88 -15.14
C VAL A 120 -11.70 -13.43 -14.75
N LYS A 121 -12.27 -14.08 -13.73
CA LYS A 121 -13.52 -13.63 -13.14
C LYS A 121 -13.44 -13.64 -11.61
N ARG A 122 -12.37 -14.15 -11.00
CA ARG A 122 -12.21 -14.10 -9.56
C ARG A 122 -10.83 -13.57 -9.19
N VAL A 123 -10.80 -12.68 -8.19
CA VAL A 123 -9.60 -12.15 -7.57
C VAL A 123 -9.57 -12.67 -6.11
N TRP A 124 -8.49 -13.20 -5.58
CA TRP A 124 -8.39 -13.69 -4.21
C TRP A 124 -7.67 -12.64 -3.38
N VAL A 125 -8.26 -12.22 -2.27
CA VAL A 125 -7.72 -11.20 -1.39
C VAL A 125 -7.52 -11.84 0.00
N SER A 126 -6.52 -11.44 0.80
CA SER A 126 -6.34 -11.96 2.16
C SER A 126 -7.46 -11.48 3.05
N ASN A 127 -7.62 -12.32 4.05
CA ASN A 127 -8.50 -12.09 5.17
C ASN A 127 -7.61 -11.91 6.39
N PRO A 128 -7.45 -10.69 6.97
CA PRO A 128 -8.03 -9.45 6.46
C PRO A 128 -7.19 -8.71 5.40
N SER A 129 -7.75 -7.67 4.75
CA SER A 129 -6.90 -6.71 4.06
C SER A 129 -7.56 -5.34 3.98
N TRP A 130 -6.91 -4.40 3.30
CA TRP A 130 -7.42 -3.07 3.03
C TRP A 130 -8.82 -3.21 2.43
N PRO A 131 -9.86 -2.64 3.09
CA PRO A 131 -11.24 -2.72 2.63
C PRO A 131 -11.44 -2.24 1.21
N ASN A 132 -10.63 -1.31 0.66
CA ASN A 132 -10.95 -0.82 -0.66
C ASN A 132 -10.51 -1.83 -1.72
N HIS A 133 -9.87 -2.94 -1.35
CA HIS A 133 -9.52 -3.93 -2.37
C HIS A 133 -10.77 -4.55 -3.04
N LYS A 134 -11.72 -4.70 -2.16
CA LYS A 134 -12.94 -5.38 -2.44
C LYS A 134 -13.70 -4.49 -3.39
N SER A 135 -13.87 -3.19 -3.10
CA SER A 135 -14.65 -2.33 -3.98
C SER A 135 -14.01 -2.14 -5.31
N VAL A 136 -12.67 -2.03 -5.40
CA VAL A 136 -12.03 -1.77 -6.70
C VAL A 136 -12.33 -2.96 -7.66
N PHE A 137 -12.01 -4.18 -7.21
CA PHE A 137 -12.20 -5.34 -8.04
C PHE A 137 -13.69 -5.53 -8.29
N ASN A 138 -14.61 -5.40 -7.34
CA ASN A 138 -16.02 -5.49 -7.68
C ASN A 138 -16.47 -4.39 -8.63
N SER A 139 -15.83 -3.23 -8.69
CA SER A 139 -16.25 -2.20 -9.64
C SER A 139 -16.08 -2.55 -11.11
N ALA A 140 -15.11 -3.41 -11.34
CA ALA A 140 -14.71 -3.85 -12.66
C ALA A 140 -15.43 -5.09 -13.05
N GLY A 141 -16.18 -5.64 -12.12
CA GLY A 141 -16.95 -6.83 -12.38
C GLY A 141 -16.33 -8.08 -11.80
N LEU A 142 -15.17 -8.05 -11.19
CA LEU A 142 -14.61 -9.26 -10.70
C LEU A 142 -15.22 -9.58 -9.35
N GLU A 143 -15.24 -10.83 -8.98
CA GLU A 143 -15.74 -11.20 -7.69
C GLU A 143 -14.51 -11.46 -6.85
N VAL A 144 -14.60 -11.19 -5.56
CA VAL A 144 -13.48 -11.28 -4.68
C VAL A 144 -13.69 -12.43 -3.72
N ARG A 145 -12.77 -13.36 -3.67
CA ARG A 145 -12.84 -14.48 -2.80
C ARG A 145 -11.71 -14.34 -1.81
N GLU A 146 -11.74 -14.86 -0.61
CA GLU A 146 -10.75 -14.57 0.41
C GLU A 146 -9.90 -15.70 0.88
N TYR A 147 -8.65 -15.46 1.20
CA TYR A 147 -7.86 -16.52 1.76
C TYR A 147 -7.47 -16.28 3.23
N ALA A 148 -7.29 -17.31 4.08
CA ALA A 148 -6.82 -17.14 5.43
C ALA A 148 -5.41 -16.56 5.41
N TYR A 149 -5.01 -15.84 6.46
CA TYR A 149 -3.73 -15.18 6.49
C TYR A 149 -3.30 -15.04 7.93
N TYR A 150 -4.09 -14.33 8.73
CA TYR A 150 -3.61 -13.99 10.08
C TYR A 150 -4.12 -14.97 11.10
N ASP A 151 -3.20 -15.44 11.88
CA ASP A 151 -3.55 -16.25 12.99
C ASP A 151 -3.75 -15.27 14.15
N ALA A 152 -4.96 -14.74 14.35
CA ALA A 152 -5.32 -13.83 15.41
C ALA A 152 -4.91 -14.18 16.83
N GLU A 153 -5.29 -15.37 17.26
CA GLU A 153 -5.09 -15.90 18.61
C GLU A 153 -3.64 -16.05 18.97
N ASN A 154 -2.75 -15.87 18.00
CA ASN A 154 -1.33 -16.09 18.19
C ASN A 154 -0.44 -15.02 17.53
N HIS A 155 -1.06 -14.16 16.71
CA HIS A 155 -0.47 -13.00 16.04
C HIS A 155 0.63 -13.28 15.02
N THR A 156 0.39 -14.28 14.19
CA THR A 156 1.38 -14.72 13.21
C THR A 156 0.73 -14.83 11.83
N LEU A 157 1.53 -15.24 10.86
CA LEU A 157 1.03 -15.64 9.56
C LEU A 157 0.65 -17.13 9.73
N ASP A 158 -0.60 -17.49 9.42
CA ASP A 158 -1.11 -18.86 9.53
C ASP A 158 -0.72 -19.46 8.20
N PHE A 159 0.50 -19.96 7.99
CA PHE A 159 0.88 -20.33 6.63
C PHE A 159 0.10 -21.53 6.14
N ASP A 160 -0.08 -22.56 6.96
CA ASP A 160 -0.99 -23.65 6.62
C ASP A 160 -2.37 -23.27 6.08
N ALA A 161 -3.09 -22.51 6.91
CA ALA A 161 -4.40 -22.03 6.58
C ALA A 161 -4.36 -21.19 5.31
N LEU A 162 -3.28 -20.42 5.07
CA LEU A 162 -3.16 -19.64 3.85
C LEU A 162 -3.11 -20.62 2.69
N ILE A 163 -2.13 -21.57 2.69
CA ILE A 163 -2.00 -22.55 1.61
C ILE A 163 -3.32 -23.29 1.36
N ASN A 164 -3.91 -23.84 2.41
CA ASN A 164 -5.10 -24.62 2.26
C ASN A 164 -6.27 -23.82 1.80
N SER A 165 -6.38 -22.53 2.15
CA SER A 165 -7.44 -21.69 1.62
C SER A 165 -7.24 -21.58 0.10
N LEU A 166 -5.96 -21.33 -0.21
CA LEU A 166 -5.61 -21.12 -1.59
C LEU A 166 -5.74 -22.36 -2.43
N ASN A 167 -5.76 -23.57 -1.87
CA ASN A 167 -5.96 -24.76 -2.68
C ASN A 167 -7.27 -24.65 -3.43
N GLU A 168 -8.20 -23.76 -3.09
CA GLU A 168 -9.44 -23.59 -3.85
C GLU A 168 -9.31 -22.58 -4.99
N ALA A 169 -8.14 -22.01 -5.21
CA ALA A 169 -8.00 -21.01 -6.25
C ALA A 169 -7.75 -21.77 -7.54
N GLN A 170 -8.46 -21.42 -8.59
CA GLN A 170 -8.32 -22.10 -9.85
C GLN A 170 -7.17 -21.55 -10.67
N ALA A 171 -6.70 -22.42 -11.59
CA ALA A 171 -5.69 -22.07 -12.54
C ALA A 171 -6.34 -21.01 -13.39
N GLY A 172 -5.69 -19.88 -13.43
CA GLY A 172 -6.14 -18.78 -14.23
C GLY A 172 -6.75 -17.71 -13.35
N ASP A 173 -6.85 -17.84 -12.01
CA ASP A 173 -7.33 -16.64 -11.41
C ASP A 173 -6.27 -15.91 -10.63
N VAL A 174 -6.65 -14.73 -10.19
CA VAL A 174 -5.74 -13.76 -9.58
C VAL A 174 -5.62 -13.94 -8.08
N VAL A 175 -4.41 -13.96 -7.53
CA VAL A 175 -4.27 -13.95 -6.10
C VAL A 175 -3.61 -12.60 -5.82
N LEU A 176 -4.08 -11.80 -4.87
CA LEU A 176 -3.53 -10.49 -4.57
C LEU A 176 -2.55 -10.70 -3.45
N PHE A 177 -1.29 -10.32 -3.66
CA PHE A 177 -0.29 -10.34 -2.61
C PHE A 177 0.08 -8.90 -2.19
N HIS A 178 0.25 -8.60 -0.89
CA HIS A 178 0.76 -7.30 -0.42
C HIS A 178 2.28 -7.41 -0.42
N GLY A 179 2.99 -6.54 -1.12
CA GLY A 179 4.46 -6.60 -1.25
C GLY A 179 5.25 -6.66 0.04
N CYS A 180 4.93 -5.76 0.96
CA CYS A 180 5.52 -5.74 2.31
C CYS A 180 4.52 -4.92 3.13
N CYS A 181 4.63 -4.92 4.48
CA CYS A 181 3.74 -4.17 5.36
C CYS A 181 2.28 -4.41 5.02
N HIS A 182 1.88 -5.68 5.17
CA HIS A 182 0.50 -6.11 4.91
C HIS A 182 -0.45 -5.19 5.65
N ASN A 183 -1.43 -4.74 4.94
CA ASN A 183 -2.40 -3.86 5.53
C ASN A 183 -3.68 -4.64 5.76
N PRO A 184 -4.18 -4.96 6.94
CA PRO A 184 -3.85 -4.23 8.18
C PRO A 184 -2.98 -4.89 9.20
N THR A 185 -2.37 -6.06 8.96
CA THR A 185 -1.74 -6.80 10.04
C THR A 185 -0.28 -6.46 10.31
N GLY A 186 0.47 -5.88 9.37
CA GLY A 186 1.92 -5.70 9.53
C GLY A 186 2.69 -7.02 9.46
N ILE A 187 2.06 -8.20 9.16
CA ILE A 187 2.76 -9.48 9.09
C ILE A 187 2.94 -9.79 7.62
N ASP A 188 4.16 -10.12 7.28
CA ASP A 188 4.58 -10.44 5.94
C ASP A 188 5.19 -11.84 5.92
N PRO A 189 5.23 -12.53 4.77
CA PRO A 189 5.88 -13.81 4.65
C PRO A 189 7.35 -13.55 4.67
N THR A 190 8.10 -14.47 5.23
CA THR A 190 9.55 -14.39 5.23
C THR A 190 10.06 -14.68 3.81
N LEU A 191 11.35 -14.64 3.47
CA LEU A 191 11.76 -14.96 2.09
C LEU A 191 11.54 -16.43 1.72
N GLU A 192 11.85 -17.42 2.58
CA GLU A 192 11.57 -18.84 2.38
C GLU A 192 10.06 -18.99 2.10
N GLN A 193 9.17 -18.41 2.90
CA GLN A 193 7.74 -18.48 2.61
C GLN A 193 7.38 -17.79 1.34
N TRP A 194 7.97 -16.70 0.92
CA TRP A 194 7.64 -16.10 -0.36
C TRP A 194 8.05 -17.00 -1.53
N GLN A 195 9.22 -17.66 -1.46
CA GLN A 195 9.58 -18.50 -2.59
C GLN A 195 8.65 -19.72 -2.55
N THR A 196 8.13 -20.22 -1.42
CA THR A 196 7.13 -21.29 -1.40
C THR A 196 5.86 -20.83 -2.10
N LEU A 197 5.33 -19.64 -1.80
CA LEU A 197 4.18 -19.11 -2.52
C LEU A 197 4.54 -18.86 -3.97
N ALA A 198 5.81 -18.61 -4.29
CA ALA A 198 6.22 -18.48 -5.68
C ALA A 198 6.16 -19.80 -6.44
N GLN A 199 6.70 -20.88 -5.84
CA GLN A 199 6.70 -22.19 -6.46
C GLN A 199 5.25 -22.64 -6.67
N LEU A 200 4.42 -22.59 -5.62
CA LEU A 200 3.02 -23.01 -5.70
C LEU A 200 2.15 -22.24 -6.71
N SER A 201 2.40 -20.96 -6.88
CA SER A 201 1.70 -20.14 -7.84
C SER A 201 2.00 -20.55 -9.30
N VAL A 202 3.24 -20.89 -9.69
CA VAL A 202 3.46 -21.31 -11.08
C VAL A 202 2.89 -22.73 -11.25
N GLU A 203 2.96 -23.57 -10.22
CA GLU A 203 2.37 -24.88 -10.28
C GLU A 203 0.88 -24.79 -10.42
N LYS A 204 0.19 -23.86 -9.77
CA LYS A 204 -1.26 -23.85 -9.85
C LYS A 204 -1.89 -22.98 -10.92
N GLY A 205 -1.07 -22.17 -11.59
CA GLY A 205 -1.54 -21.28 -12.64
C GLY A 205 -2.30 -20.06 -12.11
N TRP A 206 -1.95 -19.54 -10.93
CA TRP A 206 -2.54 -18.31 -10.44
C TRP A 206 -1.83 -17.14 -11.14
N LEU A 207 -2.45 -16.04 -11.50
CA LEU A 207 -1.73 -14.90 -12.05
C LEU A 207 -1.43 -14.02 -10.81
N PRO A 208 -0.18 -13.61 -10.44
CA PRO A 208 0.07 -12.88 -9.22
C PRO A 208 -0.21 -11.41 -9.46
N LEU A 209 -0.90 -10.73 -8.52
CA LEU A 209 -1.17 -9.30 -8.56
C LEU A 209 -0.49 -8.76 -7.29
N PHE A 210 0.55 -7.92 -7.35
CA PHE A 210 1.14 -7.35 -6.13
C PHE A 210 0.70 -5.94 -5.89
N ASP A 211 0.26 -5.68 -4.69
CA ASP A 211 -0.10 -4.33 -4.26
C ASP A 211 1.11 -3.91 -3.44
N PHE A 212 1.87 -2.94 -3.93
CA PHE A 212 3.15 -2.53 -3.34
C PHE A 212 3.18 -1.00 -3.10
N ALA A 213 2.59 -0.64 -1.96
CA ALA A 213 2.40 0.75 -1.55
C ALA A 213 3.37 1.26 -0.51
N TYR A 214 4.07 0.36 0.10
CA TYR A 214 4.84 0.73 1.25
C TYR A 214 6.25 0.24 0.95
N GLN A 215 6.84 0.34 -0.27
CA GLN A 215 8.24 -0.10 -0.42
C GLN A 215 9.15 0.85 0.40
N GLY A 216 10.06 0.39 1.24
CA GLY A 216 10.89 1.27 2.08
C GLY A 216 10.48 1.25 3.54
N PHE A 217 9.22 0.94 3.90
CA PHE A 217 8.79 0.96 5.30
C PHE A 217 8.97 -0.31 6.11
N ALA A 218 9.30 -1.47 5.55
CA ALA A 218 9.51 -2.60 6.42
C ALA A 218 10.99 -2.70 6.81
N ARG A 219 11.91 -2.76 5.83
CA ARG A 219 13.36 -2.88 6.05
C ARG A 219 14.24 -2.00 5.12
N GLY A 220 13.82 -1.75 3.90
CA GLY A 220 14.51 -0.85 3.00
C GLY A 220 14.05 -1.21 1.60
N LEU A 221 14.18 -0.27 0.66
CA LEU A 221 13.76 -0.47 -0.72
C LEU A 221 14.15 -1.83 -1.29
N GLU A 222 15.43 -2.16 -1.33
CA GLU A 222 15.90 -3.43 -1.84
C GLU A 222 15.31 -4.58 -1.09
N GLU A 223 15.34 -4.58 0.24
CA GLU A 223 14.90 -5.73 1.02
C GLU A 223 13.39 -5.93 0.92
N ASP A 224 12.63 -4.87 0.74
CA ASP A 224 11.20 -4.97 0.66
C ASP A 224 10.69 -5.52 -0.66
N ALA A 225 11.51 -5.48 -1.75
CA ALA A 225 11.08 -6.00 -3.04
C ALA A 225 11.42 -7.47 -3.18
N GLU A 226 12.02 -8.07 -2.17
CA GLU A 226 12.48 -9.43 -2.21
C GLU A 226 11.42 -10.46 -2.56
N GLY A 227 10.20 -10.37 -2.00
CA GLY A 227 9.14 -11.31 -2.26
C GLY A 227 8.64 -11.18 -3.68
N LEU A 228 8.45 -9.95 -4.11
CA LEU A 228 8.09 -9.70 -5.50
C LEU A 228 9.18 -10.18 -6.46
N ARG A 229 10.46 -9.97 -6.18
CA ARG A 229 11.54 -10.35 -7.06
C ARG A 229 11.60 -11.88 -7.13
N ALA A 230 11.39 -12.61 -6.03
CA ALA A 230 11.38 -14.05 -6.03
C ALA A 230 10.26 -14.53 -6.95
N PHE A 231 9.11 -13.84 -6.90
CA PHE A 231 7.98 -14.13 -7.77
C PHE A 231 8.31 -13.82 -9.20
N ALA A 232 9.06 -12.78 -9.51
CA ALA A 232 9.36 -12.48 -10.90
C ALA A 232 10.52 -13.34 -11.36
N ALA A 233 11.21 -14.10 -10.54
CA ALA A 233 12.14 -15.08 -11.08
C ALA A 233 11.40 -16.34 -11.61
N MET A 234 10.27 -16.71 -11.00
CA MET A 234 9.54 -17.91 -11.37
C MET A 234 8.38 -17.63 -12.33
N HIS A 235 7.74 -16.45 -12.42
CA HIS A 235 6.56 -16.31 -13.26
C HIS A 235 6.81 -15.70 -14.62
N LYS A 236 6.05 -16.03 -15.65
CA LYS A 236 6.14 -15.35 -16.93
C LYS A 236 5.17 -14.18 -16.94
N GLU A 237 4.11 -14.04 -16.13
CA GLU A 237 3.22 -12.86 -16.19
C GLU A 237 2.86 -12.49 -14.75
N LEU A 238 2.81 -11.18 -14.45
CA LEU A 238 2.58 -10.59 -13.13
C LEU A 238 2.08 -9.19 -13.36
N ILE A 239 1.38 -8.60 -12.39
CA ILE A 239 0.95 -7.22 -12.48
C ILE A 239 1.35 -6.64 -11.13
N VAL A 240 1.98 -5.45 -11.06
CA VAL A 240 2.18 -4.86 -9.76
C VAL A 240 1.68 -3.45 -9.85
N ALA A 241 0.93 -3.16 -8.81
CA ALA A 241 0.28 -1.88 -8.64
C ALA A 241 1.12 -1.27 -7.48
N SER A 242 1.89 -0.19 -7.70
CA SER A 242 2.72 0.37 -6.67
C SER A 242 2.38 1.83 -6.49
N SER A 243 2.77 2.37 -5.34
CA SER A 243 2.47 3.75 -5.09
C SER A 243 3.62 4.43 -4.44
N TYR A 244 3.67 5.70 -4.77
CA TYR A 244 4.65 6.57 -4.15
C TYR A 244 3.96 7.52 -3.18
N SER A 245 2.69 7.30 -2.78
CA SER A 245 2.05 8.16 -1.81
C SER A 245 2.76 8.21 -0.47
N LYS A 246 3.16 7.11 0.09
CA LYS A 246 3.73 7.13 1.40
C LYS A 246 5.24 7.31 1.44
N ASN A 247 6.02 6.64 0.57
CA ASN A 247 7.46 6.75 0.66
C ASN A 247 7.98 8.05 0.06
N PHE A 248 7.17 8.85 -0.63
CA PHE A 248 7.60 10.16 -1.07
C PHE A 248 6.74 11.24 -0.42
N GLY A 249 5.83 10.84 0.48
CA GLY A 249 4.94 11.77 1.17
C GLY A 249 4.15 12.55 0.19
N LEU A 250 3.81 11.92 -0.93
CA LEU A 250 3.15 12.60 -2.03
C LEU A 250 1.67 12.27 -2.16
N TYR A 251 1.10 11.92 -1.01
CA TYR A 251 -0.26 11.45 -0.88
C TYR A 251 -1.28 12.03 -1.83
N ASN A 252 -1.34 13.35 -1.91
CA ASN A 252 -2.42 14.00 -2.61
C ASN A 252 -2.11 14.35 -4.04
N GLU A 253 -0.94 13.95 -4.50
CA GLU A 253 -0.59 14.22 -5.88
C GLU A 253 -0.92 13.09 -6.84
N ARG A 254 -1.25 11.95 -6.23
CA ARG A 254 -1.76 10.75 -6.90
C ARG A 254 -0.71 10.21 -7.88
N VAL A 255 0.26 9.54 -7.27
CA VAL A 255 1.44 9.11 -8.00
C VAL A 255 1.50 7.64 -7.80
N GLY A 256 1.30 6.80 -8.81
CA GLY A 256 1.58 5.38 -8.64
C GLY A 256 1.90 4.84 -10.02
N ALA A 257 1.93 3.54 -10.09
CA ALA A 257 2.30 2.86 -11.33
C ALA A 257 1.61 1.49 -11.46
N CYS A 258 1.21 1.13 -12.66
CA CYS A 258 0.75 -0.23 -12.93
C CYS A 258 1.74 -0.87 -13.92
N THR A 259 2.60 -1.78 -13.45
CA THR A 259 3.55 -2.55 -14.23
C THR A 259 3.04 -3.96 -14.64
N LEU A 260 2.93 -4.18 -15.95
CA LEU A 260 2.47 -5.40 -16.60
C LEU A 260 3.69 -6.18 -17.06
N VAL A 261 3.83 -7.44 -16.70
CA VAL A 261 4.92 -8.28 -17.12
C VAL A 261 4.29 -9.42 -17.92
N ALA A 262 4.94 -9.78 -19.02
CA ALA A 262 4.53 -10.87 -19.87
C ALA A 262 5.79 -11.60 -20.29
N ALA A 263 5.63 -12.68 -21.07
CA ALA A 263 6.75 -13.57 -21.38
C ALA A 263 7.81 -13.02 -22.32
N ASP A 264 7.46 -12.07 -23.18
CA ASP A 264 8.38 -11.46 -24.09
C ASP A 264 7.89 -10.09 -24.50
N SER A 265 8.65 -9.17 -25.09
CA SER A 265 8.15 -7.85 -25.47
C SER A 265 6.99 -7.82 -26.39
N GLU A 266 6.89 -8.76 -27.33
CA GLU A 266 5.87 -8.59 -28.33
C GLU A 266 4.53 -8.81 -27.68
N THR A 267 4.47 -9.76 -26.75
CA THR A 267 3.26 -10.05 -26.01
C THR A 267 2.95 -8.93 -25.03
N VAL A 268 3.92 -8.45 -24.21
CA VAL A 268 3.64 -7.44 -23.20
C VAL A 268 3.20 -6.18 -23.89
N ASP A 269 3.71 -5.93 -25.09
CA ASP A 269 3.30 -4.77 -25.83
C ASP A 269 1.90 -4.86 -26.31
N ARG A 270 1.53 -6.04 -26.80
CA ARG A 270 0.18 -6.28 -27.29
C ARG A 270 -0.81 -6.19 -26.14
N ALA A 271 -0.45 -6.69 -24.96
CA ALA A 271 -1.24 -6.62 -23.74
C ALA A 271 -1.36 -5.16 -23.22
N PHE A 272 -0.23 -4.43 -23.23
CA PHE A 272 -0.21 -3.05 -22.80
C PHE A 272 -0.99 -2.19 -23.76
N SER A 273 -1.09 -2.38 -25.07
CA SER A 273 -1.92 -1.53 -25.92
C SER A 273 -3.36 -1.52 -25.40
N GLN A 274 -3.77 -2.62 -24.76
CA GLN A 274 -5.11 -2.80 -24.22
C GLN A 274 -5.19 -2.09 -22.89
N MET A 275 -4.17 -2.25 -22.05
CA MET A 275 -4.15 -1.51 -20.78
C MET A 275 -4.26 -0.01 -21.03
N LYS A 276 -3.65 0.46 -22.12
CA LYS A 276 -3.75 1.87 -22.41
C LYS A 276 -5.10 2.23 -22.89
N ALA A 277 -5.77 1.35 -23.62
CA ALA A 277 -7.14 1.66 -24.06
C ALA A 277 -8.07 1.77 -22.84
N ALA A 278 -7.81 1.06 -21.76
CA ALA A 278 -8.64 1.10 -20.55
C ALA A 278 -8.41 2.45 -19.82
N ILE A 279 -7.15 2.92 -19.71
CA ILE A 279 -6.82 4.23 -19.15
C ILE A 279 -7.48 5.31 -19.97
N ARG A 280 -7.44 5.28 -21.29
CA ARG A 280 -8.04 6.33 -22.10
C ARG A 280 -9.50 6.55 -21.85
N ALA A 281 -10.21 5.46 -21.57
CA ALA A 281 -11.65 5.51 -21.32
C ALA A 281 -11.94 5.83 -19.85
N ASN A 282 -10.92 5.94 -19.00
CA ASN A 282 -11.09 6.26 -17.59
C ASN A 282 -10.72 7.73 -17.36
N TYR A 283 -9.42 8.04 -17.21
CA TYR A 283 -8.94 9.42 -17.00
C TYR A 283 -8.12 10.08 -18.14
N SER A 284 -7.93 9.40 -19.30
CA SER A 284 -7.15 9.82 -20.49
C SER A 284 -5.66 9.68 -20.32
N ASN A 285 -5.06 10.41 -19.37
CA ASN A 285 -3.62 10.36 -19.17
C ASN A 285 -3.32 10.96 -17.80
N PRO A 286 -2.18 10.67 -17.20
CA PRO A 286 -1.98 10.88 -15.79
C PRO A 286 -1.54 12.32 -15.41
N PRO A 287 -1.71 12.67 -14.13
CA PRO A 287 -1.35 13.99 -13.60
C PRO A 287 0.17 14.11 -13.58
N ALA A 288 0.74 15.10 -14.28
CA ALA A 288 2.21 15.24 -14.38
C ALA A 288 2.97 15.50 -13.11
N HIS A 289 2.50 16.45 -12.34
CA HIS A 289 3.31 17.00 -11.24
C HIS A 289 3.94 16.06 -10.22
N GLY A 290 3.20 15.15 -9.59
CA GLY A 290 3.75 14.30 -8.58
C GLY A 290 4.69 13.32 -9.20
N ALA A 291 4.42 12.86 -10.44
CA ALA A 291 5.28 11.85 -11.05
C ALA A 291 6.55 12.49 -11.62
N SER A 292 6.50 13.76 -12.03
CA SER A 292 7.72 14.46 -12.41
C SER A 292 8.61 14.65 -11.19
N VAL A 293 8.02 14.97 -10.02
CA VAL A 293 8.79 15.06 -8.78
C VAL A 293 9.53 13.77 -8.54
N VAL A 294 8.84 12.64 -8.57
CA VAL A 294 9.53 11.35 -8.37
C VAL A 294 10.62 11.11 -9.38
N ALA A 295 10.36 11.40 -10.66
CA ALA A 295 11.34 11.15 -11.73
C ALA A 295 12.58 12.01 -11.50
N THR A 296 12.41 13.29 -11.17
CA THR A 296 13.56 14.14 -10.97
C THR A 296 14.32 13.78 -9.69
N ILE A 297 13.73 13.32 -8.58
CA ILE A 297 14.51 12.88 -7.44
C ILE A 297 15.21 11.59 -7.79
N LEU A 298 14.54 10.71 -8.51
CA LEU A 298 15.12 9.40 -8.76
C LEU A 298 16.22 9.43 -9.84
N SER A 299 16.16 10.40 -10.76
CA SER A 299 17.14 10.66 -11.81
C SER A 299 18.34 11.50 -11.34
N ASN A 300 18.56 11.81 -10.07
CA ASN A 300 19.63 12.75 -9.74
C ASN A 300 20.26 12.25 -8.50
N ASP A 301 21.52 11.80 -8.39
CA ASP A 301 21.99 11.20 -7.15
C ASP A 301 21.98 12.13 -5.94
N ALA A 302 22.09 13.44 -6.08
CA ALA A 302 22.05 14.33 -4.93
C ALA A 302 20.64 14.30 -4.31
N LEU A 303 19.59 14.72 -5.03
CA LEU A 303 18.21 14.52 -4.62
C LEU A 303 17.94 13.07 -4.20
N ARG A 304 18.36 11.99 -4.89
CA ARG A 304 18.04 10.66 -4.45
C ARG A 304 18.71 10.38 -3.14
N ALA A 305 19.94 10.86 -2.86
CA ALA A 305 20.58 10.57 -1.56
C ALA A 305 19.85 11.20 -0.37
N ILE A 306 19.30 12.38 -0.58
CA ILE A 306 18.58 13.14 0.43
C ILE A 306 17.27 12.41 0.62
N TRP A 307 16.47 12.20 -0.43
CA TRP A 307 15.21 11.44 -0.32
C TRP A 307 15.41 10.12 0.38
N GLU A 308 16.43 9.39 0.02
CA GLU A 308 16.63 8.10 0.57
C GLU A 308 16.86 8.17 2.07
N GLN A 309 17.48 9.24 2.61
CA GLN A 309 17.68 9.37 4.07
C GLN A 309 16.41 9.84 4.76
N GLU A 310 15.61 10.73 4.19
CA GLU A 310 14.32 11.11 4.72
C GLU A 310 13.40 9.89 4.85
N LEU A 311 13.44 8.95 3.88
CA LEU A 311 12.65 7.72 3.98
C LEU A 311 13.16 6.85 5.13
N THR A 312 14.48 6.69 5.33
CA THR A 312 14.88 5.86 6.45
C THR A 312 14.74 6.63 7.77
N ASP A 313 14.67 7.96 7.82
CA ASP A 313 14.30 8.62 9.05
C ASP A 313 12.84 8.32 9.35
N MET A 314 11.93 8.31 8.35
CA MET A 314 10.51 7.97 8.59
C MET A 314 10.35 6.58 9.20
N ARG A 315 10.96 5.59 8.55
CA ARG A 315 10.86 4.21 8.94
C ARG A 315 11.34 4.02 10.37
N GLN A 316 12.45 4.69 10.70
CA GLN A 316 13.02 4.55 12.00
C GLN A 316 12.19 5.26 13.06
N ARG A 317 11.54 6.39 12.81
CA ARG A 317 10.77 7.06 13.83
C ARG A 317 9.59 6.19 14.11
N ILE A 318 8.90 5.66 13.07
CA ILE A 318 7.79 4.72 13.28
C ILE A 318 8.25 3.55 14.15
N GLN A 319 9.39 2.91 13.83
CA GLN A 319 9.91 1.85 14.67
C GLN A 319 10.21 2.28 16.11
N ARG A 320 10.57 3.56 16.32
CA ARG A 320 10.75 4.09 17.67
C ARG A 320 9.40 4.18 18.35
N MET A 321 8.38 4.65 17.64
CA MET A 321 7.03 4.75 18.15
C MET A 321 6.40 3.42 18.53
N ARG A 322 6.60 2.32 17.78
CA ARG A 322 5.97 1.11 18.26
C ARG A 322 6.76 0.48 19.40
N GLN A 323 8.02 0.88 19.62
CA GLN A 323 8.79 0.43 20.77
C GLN A 323 8.22 1.12 21.99
N LEU A 324 7.95 2.41 21.82
CA LEU A 324 7.48 3.25 22.88
C LEU A 324 6.06 2.86 23.26
N PHE A 325 5.12 2.68 22.34
CA PHE A 325 3.75 2.24 22.62
C PHE A 325 3.65 0.97 23.45
N VAL A 326 4.35 -0.10 23.15
CA VAL A 326 4.30 -1.33 23.93
C VAL A 326 4.76 -1.00 25.33
N ASN A 327 5.94 -0.38 25.48
CA ASN A 327 6.47 0.01 26.80
C ASN A 327 5.58 0.85 27.67
N THR A 328 5.06 1.94 27.14
CA THR A 328 4.13 2.78 27.83
C THR A 328 2.87 2.03 28.21
N LEU A 329 2.32 1.13 27.36
CA LEU A 329 1.13 0.33 27.68
C LEU A 329 1.48 -0.57 28.84
N GLN A 330 2.65 -1.19 28.82
CA GLN A 330 3.04 -2.01 29.94
C GLN A 330 3.22 -1.07 31.13
N GLU A 331 3.79 0.14 31.08
CA GLU A 331 3.95 1.00 32.25
C GLU A 331 2.62 1.59 32.70
N LYS A 332 1.60 1.56 31.86
CA LYS A 332 0.28 2.00 32.28
C LYS A 332 -0.59 0.82 32.74
N GLY A 333 0.02 -0.35 32.95
CA GLY A 333 -0.63 -1.52 33.52
C GLY A 333 -1.72 -2.17 32.67
N ALA A 334 -1.32 -2.79 31.59
CA ALA A 334 -2.28 -3.40 30.68
C ALA A 334 -2.45 -4.85 31.15
N ASN A 335 -3.68 -5.37 31.19
CA ASN A 335 -3.84 -6.78 31.54
C ASN A 335 -3.12 -7.64 30.51
N ARG A 336 -3.31 -7.28 29.25
CA ARG A 336 -2.74 -8.03 28.15
C ARG A 336 -1.27 -7.74 27.85
N ASP A 337 -0.52 -8.69 27.32
CA ASP A 337 0.81 -8.31 26.87
C ASP A 337 0.72 -8.03 25.36
N PHE A 338 1.25 -6.86 25.00
CA PHE A 338 1.25 -6.41 23.63
C PHE A 338 2.62 -6.57 22.98
N SER A 339 3.54 -7.39 23.44
CA SER A 339 4.82 -7.57 22.77
C SER A 339 4.78 -7.82 21.26
N PHE A 340 3.67 -8.38 20.73
CA PHE A 340 3.55 -8.70 19.31
C PHE A 340 3.58 -7.53 18.35
N ILE A 341 3.16 -6.34 18.82
CA ILE A 341 3.15 -5.10 18.04
C ILE A 341 4.56 -4.92 17.47
N ILE A 342 5.57 -5.10 18.30
CA ILE A 342 6.97 -4.92 17.90
C ILE A 342 7.45 -5.81 16.75
N LYS A 343 6.69 -6.85 16.43
CA LYS A 343 7.06 -7.77 15.38
C LYS A 343 6.42 -7.42 14.02
N GLN A 344 5.51 -6.45 14.01
CA GLN A 344 4.76 -6.11 12.81
C GLN A 344 5.50 -5.10 11.98
N ASN A 345 5.13 -4.79 10.73
CA ASN A 345 5.88 -3.91 9.84
C ASN A 345 5.08 -2.79 9.23
N GLY A 346 5.69 -1.63 8.96
CA GLY A 346 5.04 -0.51 8.31
C GLY A 346 4.39 0.42 9.32
N MET A 347 3.38 1.13 8.90
CA MET A 347 2.82 2.10 9.78
C MET A 347 1.67 1.79 10.70
N PHE A 348 1.15 0.58 10.73
CA PHE A 348 -0.08 0.27 11.47
C PHE A 348 0.20 -0.81 12.48
N SER A 349 -0.70 -1.02 13.43
CA SER A 349 -0.61 -2.22 14.22
C SER A 349 -2.04 -2.69 14.41
N PHE A 350 -2.16 -4.00 14.33
CA PHE A 350 -3.43 -4.67 14.47
C PHE A 350 -3.45 -4.96 15.96
N SER A 351 -4.11 -4.05 16.70
CA SER A 351 -4.07 -4.08 18.16
C SER A 351 -4.73 -5.29 18.78
N GLY A 352 -5.87 -5.71 18.29
CA GLY A 352 -6.58 -6.79 18.95
C GLY A 352 -7.79 -6.25 19.71
N LEU A 353 -8.08 -4.95 19.56
CA LEU A 353 -9.19 -4.39 20.25
C LEU A 353 -10.45 -4.77 19.48
N THR A 354 -11.54 -4.90 20.22
CA THR A 354 -12.81 -5.29 19.66
C THR A 354 -13.44 -4.04 19.07
N LYS A 355 -14.44 -4.20 18.20
CA LYS A 355 -15.17 -3.08 17.61
C LYS A 355 -15.76 -2.16 18.67
N GLU A 356 -16.23 -2.67 19.80
CA GLU A 356 -16.86 -1.86 20.84
C GLU A 356 -15.78 -1.17 21.62
N GLN A 357 -14.58 -1.75 21.77
CA GLN A 357 -13.47 -1.00 22.37
C GLN A 357 -13.08 0.13 21.46
N VAL A 358 -13.00 0.02 20.13
CA VAL A 358 -12.61 1.19 19.35
C VAL A 358 -13.78 2.15 19.27
N LEU A 359 -15.02 1.74 19.44
CA LEU A 359 -16.12 2.68 19.39
C LEU A 359 -16.06 3.43 20.67
N ARG A 360 -15.78 2.83 21.80
CA ARG A 360 -15.84 3.70 22.91
C ARG A 360 -14.56 4.51 23.00
N LEU A 361 -13.32 4.04 22.73
CA LEU A 361 -12.14 4.89 22.58
C LEU A 361 -12.47 6.18 21.83
N ARG A 362 -13.21 6.12 20.71
CA ARG A 362 -13.57 7.31 19.99
C ARG A 362 -14.52 8.09 20.89
N GLU A 363 -15.69 7.54 21.24
CA GLU A 363 -16.74 8.28 21.93
C GLU A 363 -16.40 8.91 23.25
N GLU A 364 -15.63 8.19 24.01
CA GLU A 364 -15.33 8.57 25.36
C GLU A 364 -14.01 9.30 25.51
N PHE A 365 -13.11 9.09 24.56
CA PHE A 365 -11.75 9.54 24.68
C PHE A 365 -11.19 10.32 23.49
N GLY A 366 -11.99 10.49 22.45
CA GLY A 366 -11.56 11.17 21.24
C GLY A 366 -10.33 10.49 20.61
N VAL A 367 -10.14 9.18 20.81
CA VAL A 367 -9.02 8.43 20.26
C VAL A 367 -9.53 7.77 18.99
N TYR A 368 -9.05 8.10 17.79
CA TYR A 368 -9.59 7.54 16.55
C TYR A 368 -8.79 6.42 15.92
N ALA A 369 -9.28 5.18 15.90
CA ALA A 369 -8.61 4.05 15.26
C ALA A 369 -9.60 3.54 14.24
N VAL A 370 -9.25 2.55 13.42
CA VAL A 370 -10.18 2.05 12.41
C VAL A 370 -10.96 0.93 13.12
N ALA A 371 -12.21 0.62 12.75
CA ALA A 371 -13.03 -0.44 13.43
C ALA A 371 -12.49 -1.85 13.53
N SER A 372 -11.50 -2.22 12.74
CA SER A 372 -10.87 -3.49 12.91
C SER A 372 -9.81 -3.49 14.01
N GLY A 373 -9.55 -2.33 14.66
CA GLY A 373 -8.54 -2.24 15.71
C GLY A 373 -7.21 -1.93 15.07
N ARG A 374 -7.21 -1.53 13.80
CA ARG A 374 -5.99 -1.13 13.12
C ARG A 374 -5.64 0.25 13.70
N VAL A 375 -4.42 0.38 14.18
CA VAL A 375 -3.95 1.65 14.75
C VAL A 375 -2.78 2.24 13.92
N ASN A 376 -2.80 3.52 13.52
CA ASN A 376 -1.67 4.11 12.80
C ASN A 376 -0.51 4.53 13.76
N VAL A 377 0.48 3.67 13.91
CA VAL A 377 1.64 3.89 14.76
C VAL A 377 2.37 5.11 14.26
N ALA A 378 2.40 5.40 12.95
CA ALA A 378 3.09 6.57 12.40
C ALA A 378 2.45 7.88 12.79
N GLY A 379 1.32 7.87 13.48
CA GLY A 379 0.65 9.08 13.95
C GLY A 379 0.80 9.22 15.48
N MET A 380 1.62 8.39 16.12
CA MET A 380 1.83 8.43 17.53
C MET A 380 3.07 9.31 17.71
N THR A 381 3.09 10.17 18.73
CA THR A 381 4.21 11.08 18.97
C THR A 381 4.55 10.99 20.45
N PRO A 382 5.76 11.44 20.92
CA PRO A 382 6.16 11.31 22.30
C PRO A 382 5.17 12.02 23.22
N ASP A 383 4.55 13.10 22.73
CA ASP A 383 3.54 13.86 23.44
C ASP A 383 2.16 13.30 23.58
N ASN A 384 1.62 12.62 22.52
CA ASN A 384 0.29 12.05 22.64
C ASN A 384 0.39 10.64 23.13
N MET A 385 1.56 10.05 23.26
CA MET A 385 1.64 8.69 23.73
C MET A 385 1.05 8.39 25.11
N ALA A 386 1.09 9.35 26.06
CA ALA A 386 0.56 9.01 27.37
C ALA A 386 -0.94 9.12 27.45
N PRO A 387 -1.63 10.15 26.94
CA PRO A 387 -3.09 10.11 26.84
C PRO A 387 -3.57 8.91 26.04
N LEU A 388 -2.99 8.60 24.89
CA LEU A 388 -3.40 7.46 24.09
C LEU A 388 -3.33 6.12 24.82
N CYS A 389 -2.21 5.76 25.44
CA CYS A 389 -2.13 4.53 26.20
C CYS A 389 -3.05 4.52 27.39
N GLU A 390 -3.40 5.68 27.95
CA GLU A 390 -4.26 5.63 29.09
C GLU A 390 -5.67 5.43 28.63
N ALA A 391 -6.01 5.87 27.43
CA ALA A 391 -7.35 5.66 26.93
C ALA A 391 -7.47 4.17 26.67
N ILE A 392 -6.44 3.56 26.10
CA ILE A 392 -6.49 2.16 25.74
C ILE A 392 -6.58 1.32 27.01
N VAL A 393 -5.76 1.54 28.05
CA VAL A 393 -5.82 0.73 29.26
C VAL A 393 -7.20 0.86 29.88
N ALA A 394 -7.85 2.02 29.84
CA ALA A 394 -9.17 2.17 30.44
C ALA A 394 -10.23 1.48 29.61
N VAL A 395 -9.93 0.64 28.66
CA VAL A 395 -10.98 0.17 27.76
C VAL A 395 -10.86 -1.33 27.56
N LEU A 396 -9.77 -1.88 28.07
CA LEU A 396 -9.43 -3.25 27.92
C LEU A 396 -10.22 -4.07 28.91
#